data_1W6M
#
_entry.id   1W6M
#
_cell.length_a   36.776
_cell.length_b   88.898
_cell.length_c   93.913
_cell.angle_alpha   90.00
_cell.angle_beta   90.00
_cell.angle_gamma   90.00
#
_symmetry.space_group_name_H-M   'P 21 21 21'
#
loop_
_entity.id
_entity.type
_entity.pdbx_description
1 polymer GALECTIN-1
2 polymer GALECTIN-1
3 non-polymer BETA-MERCAPTOETHANOL
4 non-polymer 'SULFATE ION'
5 non-polymer beta-D-galactopyranose
6 water water
#
loop_
_entity_poly.entity_id
_entity_poly.type
_entity_poly.pdbx_seq_one_letter_code
_entity_poly.pdbx_strand_id
1 'polypeptide(L)'
;ASGLVASNLNLKPGE(CSO)LRVRGEVAPDAKSFVLNLGKDSNNLCLHFNPRFNAHGDANTIVCNSKDDGAWGTEQREAV
FPFQPGSVAEVCITFDQANLTVKLPDGYEFKFPNRLNLEAINYMAADGDFKIKCVAFD
;
A
2 'polypeptide(L)'
;ASGLVASNLNLKPGECLRVRGEVAPDAKSFVLNLGKDSNNLCLHFNPRFNAHGDANTIVCNSKDDGAWGTEQREAVFPFQ
PGSVAEVCITFDQANLTVKLPDGYEFKFPNRLNLEAINYMAADGDFKIKCVAFD
;
B
#
loop_
_chem_comp.id
_chem_comp.type
_chem_comp.name
_chem_comp.formula
BME non-polymer BETA-MERCAPTOETHANOL 'C2 H6 O S'
GAL D-saccharide, beta linking beta-D-galactopyranose 'C6 H12 O6'
SO4 non-polymer 'SULFATE ION' 'O4 S -2'
#
# COMPACT_ATOMS: atom_id res chain seq x y z
N ALA A 1 -5.25 7.57 12.35
CA ALA A 1 -6.53 6.81 12.34
C ALA A 1 -7.34 7.08 11.07
N SER A 2 -6.79 7.94 10.20
CA SER A 2 -7.45 8.29 8.94
C SER A 2 -7.56 7.04 8.07
N GLY A 3 -6.69 6.95 7.06
CA GLY A 3 -6.71 5.80 6.18
C GLY A 3 -5.35 5.60 5.53
N LEU A 4 -5.13 4.40 4.99
CA LEU A 4 -3.87 4.06 4.34
C LEU A 4 -3.45 5.11 3.32
N VAL A 5 -2.17 5.49 3.38
CA VAL A 5 -1.59 6.46 2.46
C VAL A 5 -0.33 5.83 1.86
N ALA A 6 -0.21 5.85 0.54
CA ALA A 6 0.95 5.28 -0.13
C ALA A 6 1.55 6.26 -1.15
N SER A 7 2.87 6.36 -1.18
CA SER A 7 3.57 7.24 -2.11
C SER A 7 4.65 6.48 -2.88
N ASN A 8 5.24 7.13 -3.88
CA ASN A 8 6.26 6.51 -4.72
C ASN A 8 5.71 5.34 -5.53
N LEU A 9 4.41 5.37 -5.82
CA LEU A 9 3.77 4.29 -6.57
C LEU A 9 4.27 4.18 -8.00
N ASN A 10 4.55 5.33 -8.61
CA ASN A 10 5.02 5.38 -9.98
C ASN A 10 4.20 4.51 -10.92
N LEU A 11 2.88 4.69 -10.88
CA LEU A 11 1.99 3.94 -11.76
C LEU A 11 2.03 4.68 -13.09
N LYS A 12 2.46 3.98 -14.14
CA LYS A 12 2.57 4.57 -15.47
C LYS A 12 1.30 4.34 -16.29
N PRO A 13 1.14 5.07 -17.40
CA PRO A 13 -0.04 4.92 -18.25
C PRO A 13 -0.21 3.47 -18.68
N GLY A 14 -1.43 2.96 -18.55
CA GLY A 14 -1.69 1.58 -18.93
C GLY A 14 -1.68 0.60 -17.78
N GLU A 15 -1.24 1.04 -16.61
CA GLU A 15 -1.19 0.15 -15.44
C GLU A 15 -2.48 0.21 -14.62
N CSO A 16 -2.89 -0.94 -14.10
CA CSO A 16 -4.12 -1.00 -13.32
CB CSO A 16 -4.96 -2.21 -13.73
SG CSO A 16 -6.65 -2.19 -13.07
C CSO A 16 -3.86 -1.08 -11.82
O CSO A 16 -2.98 -1.79 -11.36
OD CSO A 16 -6.53 -3.39 -11.97
N LEU A 17 -4.65 -0.32 -11.07
CA LEU A 17 -4.56 -0.29 -9.62
C LEU A 17 -5.84 -0.96 -9.12
N ARG A 18 -5.67 -2.01 -8.33
CA ARG A 18 -6.81 -2.75 -7.80
C ARG A 18 -6.87 -2.55 -6.28
N VAL A 19 -7.98 -2.01 -5.79
CA VAL A 19 -8.15 -1.75 -4.37
C VAL A 19 -9.37 -2.46 -3.80
N ARG A 20 -9.15 -3.31 -2.80
CA ARG A 20 -10.24 -4.03 -2.15
C ARG A 20 -10.32 -3.60 -0.69
N GLY A 21 -11.52 -3.24 -0.24
CA GLY A 21 -11.69 -2.81 1.14
C GLY A 21 -13.05 -3.15 1.73
N GLU A 22 -13.22 -2.83 3.01
CA GLU A 22 -14.47 -3.10 3.69
C GLU A 22 -15.21 -1.78 3.97
N VAL A 23 -16.45 -1.71 3.51
CA VAL A 23 -17.26 -0.52 3.72
C VAL A 23 -17.86 -0.65 5.12
N ALA A 24 -17.68 0.37 5.95
CA ALA A 24 -18.23 0.32 7.31
C ALA A 24 -19.71 -0.07 7.30
N PRO A 25 -20.18 -0.71 8.38
CA PRO A 25 -21.57 -1.16 8.48
C PRO A 25 -22.56 0.02 8.49
N ASP A 26 -22.08 1.17 8.95
CA ASP A 26 -22.89 2.38 9.02
C ASP A 26 -22.17 3.50 8.29
N ALA A 27 -21.67 3.19 7.10
CA ALA A 27 -20.92 4.16 6.30
C ALA A 27 -21.77 5.31 5.74
N LYS A 28 -21.20 6.51 5.74
CA LYS A 28 -21.86 7.68 5.21
C LYS A 28 -21.21 8.02 3.87
N SER A 29 -19.94 7.64 3.73
CA SER A 29 -19.18 7.88 2.51
C SER A 29 -17.73 7.52 2.74
N PHE A 30 -16.98 7.30 1.67
CA PHE A 30 -15.56 7.01 1.79
C PHE A 30 -14.86 7.61 0.59
N VAL A 31 -13.55 7.79 0.70
CA VAL A 31 -12.79 8.38 -0.38
C VAL A 31 -11.55 7.60 -0.74
N LEU A 32 -11.18 7.69 -2.01
CA LEU A 32 -10.00 7.04 -2.54
C LEU A 32 -9.37 8.14 -3.40
N ASN A 33 -8.25 8.68 -2.95
CA ASN A 33 -7.55 9.74 -3.68
C ASN A 33 -6.31 9.26 -4.41
N LEU A 34 -6.18 9.68 -5.67
CA LEU A 34 -5.03 9.33 -6.49
C LEU A 34 -4.51 10.60 -7.15
N GLY A 35 -3.19 10.68 -7.31
CA GLY A 35 -2.61 11.86 -7.95
C GLY A 35 -1.11 11.97 -7.77
N LYS A 36 -0.61 13.21 -7.78
CA LYS A 36 0.82 13.47 -7.60
C LYS A 36 1.09 13.56 -6.10
N ASP A 37 0.22 14.26 -5.38
CA ASP A 37 0.32 14.41 -3.93
C ASP A 37 -1.05 14.77 -3.37
N SER A 38 -1.12 15.05 -2.08
CA SER A 38 -2.39 15.38 -1.43
C SER A 38 -3.08 16.65 -1.95
N ASN A 39 -2.36 17.47 -2.72
CA ASN A 39 -2.95 18.69 -3.25
C ASN A 39 -3.14 18.68 -4.75
N ASN A 40 -2.67 17.62 -5.39
CA ASN A 40 -2.78 17.48 -6.83
C ASN A 40 -3.30 16.07 -7.13
N LEU A 41 -4.63 15.97 -7.20
CA LEU A 41 -5.29 14.69 -7.43
C LEU A 41 -5.87 14.53 -8.82
N CYS A 42 -5.51 13.45 -9.50
CA CYS A 42 -6.08 13.22 -10.82
C CYS A 42 -7.44 12.54 -10.63
N LEU A 43 -7.65 11.98 -9.43
CA LEU A 43 -8.91 11.33 -9.14
C LEU A 43 -9.31 11.31 -7.68
N HIS A 44 -10.43 11.97 -7.39
CA HIS A 44 -10.99 12.00 -6.05
C HIS A 44 -12.25 11.15 -6.23
N PHE A 45 -12.14 9.86 -5.89
CA PHE A 45 -13.24 8.90 -6.02
C PHE A 45 -14.02 8.90 -4.70
N ASN A 46 -15.21 9.46 -4.73
CA ASN A 46 -16.00 9.62 -3.52
C ASN A 46 -17.43 9.09 -3.51
N PRO A 47 -17.61 7.79 -3.22
CA PRO A 47 -18.96 7.23 -3.16
C PRO A 47 -19.66 7.78 -1.91
N ARG A 48 -20.82 8.40 -2.08
CA ARG A 48 -21.53 8.97 -0.95
C ARG A 48 -22.86 8.26 -0.70
N PHE A 49 -22.95 7.55 0.42
CA PHE A 49 -24.17 6.84 0.77
C PHE A 49 -25.19 7.88 1.18
N ASN A 50 -24.76 8.78 2.06
CA ASN A 50 -25.59 9.87 2.56
C ASN A 50 -24.68 10.97 3.08
N ALA A 51 -24.37 11.94 2.22
CA ALA A 51 -23.49 13.04 2.61
C ALA A 51 -23.54 14.16 1.60
N HIS A 52 -23.52 15.40 2.10
CA HIS A 52 -23.53 16.59 1.26
C HIS A 52 -24.69 16.67 0.27
N GLY A 53 -25.86 16.18 0.68
CA GLY A 53 -27.02 16.22 -0.20
C GLY A 53 -27.12 15.05 -1.16
N ASP A 54 -26.10 14.21 -1.19
CA ASP A 54 -26.09 13.05 -2.08
C ASP A 54 -26.51 11.77 -1.35
N ALA A 55 -27.37 10.99 -1.99
CA ALA A 55 -27.81 9.70 -1.42
C ALA A 55 -27.41 8.64 -2.44
N ASN A 56 -26.52 7.75 -2.04
CA ASN A 56 -26.03 6.70 -2.94
C ASN A 56 -25.61 7.29 -4.28
N THR A 57 -24.62 8.18 -4.23
CA THR A 57 -24.09 8.82 -5.42
C THR A 57 -22.56 8.78 -5.41
N ILE A 58 -21.99 8.34 -6.52
CA ILE A 58 -20.54 8.30 -6.65
C ILE A 58 -20.16 9.67 -7.22
N VAL A 59 -19.33 10.40 -6.49
CA VAL A 59 -18.89 11.71 -6.95
C VAL A 59 -17.39 11.67 -7.17
N CYS A 60 -16.95 12.15 -8.34
CA CYS A 60 -15.53 12.19 -8.64
C CYS A 60 -15.13 13.62 -8.99
N ASN A 61 -13.91 13.99 -8.63
CA ASN A 61 -13.42 15.33 -8.93
C ASN A 61 -11.91 15.31 -9.00
N SER A 62 -11.36 16.40 -9.51
CA SER A 62 -9.92 16.55 -9.61
C SER A 62 -9.55 17.65 -8.65
N LYS A 63 -8.27 17.75 -8.34
CA LYS A 63 -7.79 18.79 -7.44
C LYS A 63 -6.45 19.25 -7.97
N ASP A 64 -6.44 20.48 -8.50
CA ASP A 64 -5.22 21.04 -9.06
C ASP A 64 -4.66 22.12 -8.15
N ASP A 65 -3.53 21.83 -7.51
CA ASP A 65 -2.87 22.78 -6.64
C ASP A 65 -3.80 23.28 -5.54
N GLY A 66 -4.56 22.36 -4.94
CA GLY A 66 -5.47 22.72 -3.87
C GLY A 66 -6.90 23.09 -4.26
N ALA A 67 -7.11 23.46 -5.52
CA ALA A 67 -8.44 23.85 -6.00
C ALA A 67 -9.24 22.72 -6.62
N TRP A 68 -10.46 22.51 -6.12
CA TRP A 68 -11.33 21.47 -6.65
C TRP A 68 -11.80 21.86 -8.05
N GLY A 69 -12.02 20.84 -8.88
CA GLY A 69 -12.48 21.09 -10.24
C GLY A 69 -13.98 20.81 -10.30
N THR A 70 -14.51 20.62 -11.50
CA THR A 70 -15.93 20.34 -11.67
C THR A 70 -16.25 18.87 -11.36
N GLU A 71 -17.20 18.65 -10.45
CA GLU A 71 -17.60 17.30 -10.07
C GLU A 71 -18.31 16.51 -11.17
N GLN A 72 -18.14 15.20 -11.14
CA GLN A 72 -18.80 14.31 -12.09
C GLN A 72 -19.56 13.29 -11.24
N ARG A 73 -20.77 12.92 -11.68
CA ARG A 73 -21.58 11.97 -10.94
C ARG A 73 -21.98 10.78 -11.81
N GLU A 74 -21.96 9.58 -11.23
CA GLU A 74 -22.31 8.36 -11.96
C GLU A 74 -23.76 7.95 -11.77
N ALA A 75 -24.23 7.07 -12.65
CA ALA A 75 -25.62 6.61 -12.63
C ALA A 75 -25.86 5.31 -11.88
N VAL A 76 -24.81 4.74 -11.31
CA VAL A 76 -24.93 3.49 -10.57
C VAL A 76 -24.22 3.63 -9.23
N PHE A 77 -24.59 2.78 -8.29
CA PHE A 77 -23.98 2.81 -6.97
C PHE A 77 -23.90 1.39 -6.42
N PRO A 78 -22.95 0.59 -6.94
CA PRO A 78 -22.79 -0.80 -6.51
C PRO A 78 -21.97 -0.96 -5.23
N PHE A 79 -22.38 -0.26 -4.17
CA PHE A 79 -21.72 -0.32 -2.88
C PHE A 79 -22.78 -0.49 -1.79
N GLN A 80 -22.46 -1.27 -0.76
CA GLN A 80 -23.40 -1.52 0.34
C GLN A 80 -22.68 -1.48 1.69
N PRO A 81 -23.25 -0.77 2.69
CA PRO A 81 -22.62 -0.68 4.01
C PRO A 81 -22.35 -2.06 4.61
N GLY A 82 -21.17 -2.23 5.19
CA GLY A 82 -20.82 -3.50 5.80
C GLY A 82 -20.64 -4.64 4.81
N SER A 83 -19.89 -4.40 3.74
CA SER A 83 -19.65 -5.43 2.74
C SER A 83 -18.39 -5.11 1.95
N VAL A 84 -17.66 -6.15 1.57
CA VAL A 84 -16.42 -5.98 0.82
C VAL A 84 -16.66 -5.39 -0.58
N ALA A 85 -15.85 -4.42 -0.95
CA ALA A 85 -15.97 -3.77 -2.26
C ALA A 85 -14.59 -3.61 -2.90
N GLU A 86 -14.51 -3.95 -4.18
CA GLU A 86 -13.26 -3.83 -4.91
C GLU A 86 -13.41 -2.90 -6.11
N VAL A 87 -12.41 -2.07 -6.33
CA VAL A 87 -12.43 -1.13 -7.45
C VAL A 87 -11.10 -1.22 -8.22
N CYS A 88 -11.19 -1.17 -9.54
CA CYS A 88 -10.02 -1.25 -10.39
C CYS A 88 -9.90 0.06 -11.16
N ILE A 89 -8.77 0.72 -11.00
CA ILE A 89 -8.53 1.99 -11.65
C ILE A 89 -7.35 1.93 -12.61
N THR A 90 -7.62 2.24 -13.87
CA THR A 90 -6.58 2.23 -14.88
C THR A 90 -6.23 3.66 -15.24
N PHE A 91 -4.95 3.89 -15.46
CA PHE A 91 -4.43 5.20 -15.77
C PHE A 91 -4.05 5.33 -17.24
N ASP A 92 -4.47 6.43 -17.85
CA ASP A 92 -4.19 6.72 -19.25
C ASP A 92 -3.90 8.22 -19.35
N GLN A 93 -3.23 8.62 -20.43
CA GLN A 93 -2.90 10.02 -20.61
C GLN A 93 -4.12 10.93 -20.69
N ALA A 94 -5.13 10.50 -21.43
CA ALA A 94 -6.35 11.29 -21.60
C ALA A 94 -7.37 11.08 -20.49
N ASN A 95 -7.55 9.83 -20.05
CA ASN A 95 -8.53 9.53 -19.00
C ASN A 95 -8.11 8.44 -18.01
N LEU A 96 -8.82 8.44 -16.88
CA LEU A 96 -8.63 7.40 -15.89
C LEU A 96 -9.86 6.55 -16.11
N THR A 97 -9.70 5.24 -16.10
CA THR A 97 -10.84 4.35 -16.27
C THR A 97 -11.10 3.67 -14.94
N VAL A 98 -12.32 3.74 -14.46
CA VAL A 98 -12.68 3.11 -13.19
C VAL A 98 -13.69 2.00 -13.41
N LYS A 99 -13.37 0.81 -12.93
CA LYS A 99 -14.29 -0.31 -13.03
C LYS A 99 -14.78 -0.59 -11.63
N LEU A 100 -16.11 -0.61 -11.46
CA LEU A 100 -16.74 -0.83 -10.16
C LEU A 100 -17.00 -2.31 -9.85
N PRO A 101 -17.35 -2.63 -8.58
CA PRO A 101 -17.63 -3.99 -8.12
C PRO A 101 -18.47 -4.85 -9.05
N ASP A 102 -19.51 -4.26 -9.62
CA ASP A 102 -20.41 -5.00 -10.51
C ASP A 102 -19.97 -5.02 -11.98
N GLY A 103 -18.78 -4.51 -12.26
CA GLY A 103 -18.30 -4.50 -13.63
C GLY A 103 -18.60 -3.24 -14.42
N TYR A 104 -19.36 -2.32 -13.82
CA TYR A 104 -19.68 -1.08 -14.51
C TYR A 104 -18.40 -0.24 -14.64
N GLU A 105 -18.20 0.35 -15.80
CA GLU A 105 -17.02 1.17 -16.04
C GLU A 105 -17.37 2.59 -16.42
N PHE A 106 -16.51 3.53 -16.05
CA PHE A 106 -16.70 4.92 -16.43
C PHE A 106 -15.33 5.57 -16.48
N LYS A 107 -15.24 6.69 -17.19
CA LYS A 107 -13.99 7.41 -17.33
C LYS A 107 -14.06 8.80 -16.71
N PHE A 108 -12.90 9.28 -16.26
CA PHE A 108 -12.78 10.61 -15.68
C PHE A 108 -11.55 11.23 -16.32
N PRO A 109 -11.72 12.37 -17.00
CA PRO A 109 -10.62 13.05 -17.68
C PRO A 109 -9.41 13.35 -16.80
N ASN A 110 -8.22 13.17 -17.39
CA ASN A 110 -6.95 13.40 -16.71
C ASN A 110 -6.61 14.89 -16.82
N ARG A 111 -7.42 15.70 -16.14
CA ARG A 111 -7.28 17.16 -16.16
C ARG A 111 -5.91 17.73 -15.83
N LEU A 112 -5.23 17.17 -14.82
CA LEU A 112 -3.90 17.64 -14.44
C LEU A 112 -2.81 17.18 -15.42
N ASN A 113 -3.19 16.34 -16.37
CA ASN A 113 -2.25 15.82 -17.36
C ASN A 113 -1.06 15.14 -16.71
N LEU A 114 -1.32 14.29 -15.72
CA LEU A 114 -0.26 13.57 -15.03
C LEU A 114 0.25 12.45 -15.92
N GLU A 115 1.56 12.22 -15.90
CA GLU A 115 2.15 11.16 -16.71
C GLU A 115 2.35 9.90 -15.87
N ALA A 116 2.09 10.03 -14.57
CA ALA A 116 2.23 8.91 -13.64
C ALA A 116 1.56 9.25 -12.32
N ILE A 117 0.99 8.22 -11.69
CA ILE A 117 0.33 8.41 -10.40
C ILE A 117 1.30 7.93 -9.31
N ASN A 118 1.69 8.82 -8.41
CA ASN A 118 2.61 8.45 -7.34
C ASN A 118 2.00 8.50 -5.95
N TYR A 119 0.76 8.99 -5.86
CA TYR A 119 0.11 9.12 -4.56
C TYR A 119 -1.28 8.50 -4.49
N MET A 120 -1.52 7.75 -3.42
CA MET A 120 -2.81 7.11 -3.18
C MET A 120 -3.17 7.25 -1.71
N ALA A 121 -4.41 7.62 -1.42
CA ALA A 121 -4.84 7.76 -0.04
C ALA A 121 -6.29 7.37 0.12
N ALA A 122 -6.56 6.58 1.15
CA ALA A 122 -7.92 6.14 1.44
C ALA A 122 -8.34 6.79 2.75
N ASP A 123 -9.62 7.10 2.87
CA ASP A 123 -10.14 7.71 4.08
C ASP A 123 -11.66 7.64 4.05
N GLY A 124 -12.27 7.57 5.24
CA GLY A 124 -13.70 7.48 5.29
C GLY A 124 -14.05 6.10 5.79
N ASP A 125 -15.29 5.68 5.57
CA ASP A 125 -15.71 4.38 6.05
C ASP A 125 -15.32 3.24 5.11
N PHE A 126 -14.02 3.16 4.79
CA PHE A 126 -13.50 2.14 3.90
C PHE A 126 -12.19 1.56 4.44
N LYS A 127 -12.25 0.34 4.97
CA LYS A 127 -11.07 -0.33 5.52
C LYS A 127 -10.39 -1.18 4.43
N ILE A 128 -9.28 -0.69 3.90
CA ILE A 128 -8.57 -1.41 2.85
C ILE A 128 -8.05 -2.79 3.29
N LYS A 129 -8.37 -3.82 2.51
CA LYS A 129 -7.92 -5.17 2.83
C LYS A 129 -6.74 -5.59 1.95
N CYS A 130 -6.63 -4.99 0.77
CA CYS A 130 -5.53 -5.31 -0.12
C CYS A 130 -5.45 -4.36 -1.30
N VAL A 131 -4.23 -4.11 -1.75
CA VAL A 131 -4.00 -3.24 -2.90
C VAL A 131 -3.03 -3.95 -3.83
N ALA A 132 -3.31 -3.90 -5.12
CA ALA A 132 -2.44 -4.54 -6.09
C ALA A 132 -2.12 -3.60 -7.25
N PHE A 133 -0.90 -3.69 -7.75
CA PHE A 133 -0.45 -2.85 -8.86
C PHE A 133 -0.04 -3.76 -10.01
N ASP A 134 -0.16 -3.25 -11.23
CA ASP A 134 0.20 -4.04 -12.40
C ASP A 134 0.71 -3.15 -13.53
N ALA B 1 14.01 7.19 -6.46
CA ALA B 1 14.22 5.82 -6.99
C ALA B 1 13.83 4.74 -5.96
N SER B 2 13.63 5.16 -4.71
CA SER B 2 13.26 4.22 -3.65
C SER B 2 11.94 3.52 -4.00
N GLY B 3 11.60 2.51 -3.22
CA GLY B 3 10.38 1.77 -3.47
C GLY B 3 9.14 2.39 -2.86
N LEU B 4 8.07 1.60 -2.83
CA LEU B 4 6.80 2.04 -2.28
C LEU B 4 6.93 2.37 -0.79
N VAL B 5 6.17 3.38 -0.37
CA VAL B 5 6.14 3.83 1.02
C VAL B 5 4.68 3.92 1.45
N ALA B 6 4.32 3.22 2.52
CA ALA B 6 2.95 3.25 3.01
C ALA B 6 2.92 3.71 4.46
N SER B 7 1.95 4.57 4.79
CA SER B 7 1.82 5.05 6.16
C SER B 7 0.37 4.85 6.59
N ASN B 8 0.11 4.99 7.89
CA ASN B 8 -1.23 4.79 8.43
C ASN B 8 -1.71 3.37 8.14
N LEU B 9 -0.76 2.44 8.16
CA LEU B 9 -1.03 1.03 7.90
C LEU B 9 -1.94 0.47 8.98
N ASN B 10 -1.75 0.95 10.21
CA ASN B 10 -2.51 0.51 11.36
C ASN B 10 -2.61 -1.00 11.46
N LEU B 11 -1.48 -1.69 11.30
CA LEU B 11 -1.45 -3.14 11.40
C LEU B 11 -1.49 -3.46 12.89
N LYS B 12 -2.46 -4.27 13.30
CA LYS B 12 -2.63 -4.64 14.70
C LYS B 12 -2.06 -6.03 15.00
N PRO B 13 -1.71 -6.28 16.27
CA PRO B 13 -1.17 -7.58 16.66
C PRO B 13 -2.09 -8.70 16.23
N GLY B 14 -1.52 -9.74 15.63
CA GLY B 14 -2.33 -10.86 15.19
C GLY B 14 -2.75 -10.78 13.74
N GLU B 15 -2.75 -9.58 13.18
CA GLU B 15 -3.13 -9.42 11.77
C GLU B 15 -1.95 -9.86 10.90
N CYS B 16 -2.26 -10.42 9.74
CA CYS B 16 -1.23 -10.89 8.83
C CYS B 16 -1.01 -9.90 7.68
N LEU B 17 0.22 -9.46 7.51
CA LEU B 17 0.56 -8.53 6.43
C LEU B 17 1.30 -9.32 5.36
N ARG B 18 0.70 -9.46 4.19
CA ARG B 18 1.32 -10.18 3.10
C ARG B 18 1.82 -9.18 2.06
N VAL B 19 3.11 -9.22 1.79
CA VAL B 19 3.71 -8.31 0.82
C VAL B 19 4.33 -9.11 -0.33
N ARG B 20 3.93 -8.80 -1.56
CA ARG B 20 4.49 -9.49 -2.71
C ARG B 20 5.11 -8.45 -3.64
N GLY B 21 6.37 -8.67 -4.00
CA GLY B 21 7.05 -7.74 -4.88
C GLY B 21 8.04 -8.40 -5.80
N GLU B 22 8.55 -7.65 -6.77
CA GLU B 22 9.51 -8.18 -7.71
C GLU B 22 10.93 -7.76 -7.35
N VAL B 23 11.80 -8.75 -7.16
CA VAL B 23 13.19 -8.49 -6.83
C VAL B 23 13.90 -8.08 -8.13
N ALA B 24 14.49 -6.90 -8.15
CA ALA B 24 15.19 -6.42 -9.34
C ALA B 24 16.15 -7.48 -9.88
N PRO B 25 16.17 -7.67 -11.21
CA PRO B 25 17.05 -8.67 -11.86
C PRO B 25 18.53 -8.55 -11.53
N ASP B 26 18.99 -7.33 -11.24
CA ASP B 26 20.40 -7.11 -10.93
C ASP B 26 20.62 -6.65 -9.48
N ALA B 27 19.71 -7.02 -8.60
CA ALA B 27 19.80 -6.62 -7.20
C ALA B 27 20.90 -7.33 -6.42
N LYS B 28 21.62 -6.58 -5.59
CA LYS B 28 22.67 -7.14 -4.77
C LYS B 28 22.04 -7.46 -3.41
N SER B 29 20.83 -6.93 -3.22
CA SER B 29 20.07 -7.11 -1.99
C SER B 29 18.79 -6.29 -2.11
N PHE B 30 17.94 -6.37 -1.10
CA PHE B 30 16.71 -5.57 -1.08
C PHE B 30 16.22 -5.39 0.36
N VAL B 31 15.44 -4.36 0.59
CA VAL B 31 14.95 -4.06 1.91
C VAL B 31 13.45 -3.85 2.01
N LEU B 32 12.88 -4.28 3.12
CA LEU B 32 11.48 -4.11 3.41
C LEU B 32 11.51 -3.61 4.85
N ASN B 33 11.12 -2.36 5.08
CA ASN B 33 11.10 -1.79 6.42
C ASN B 33 9.71 -1.68 6.98
N LEU B 34 9.58 -1.90 8.28
CA LEU B 34 8.30 -1.82 8.98
C LEU B 34 8.54 -1.15 10.33
N GLY B 35 7.56 -0.35 10.78
CA GLY B 35 7.70 0.32 12.07
C GLY B 35 6.77 1.50 12.25
N LYS B 36 7.21 2.49 13.02
CA LYS B 36 6.41 3.70 13.26
C LYS B 36 6.65 4.72 12.17
N ASP B 37 7.91 4.92 11.81
CA ASP B 37 8.32 5.86 10.76
C ASP B 37 9.71 5.48 10.29
N SER B 38 10.30 6.28 9.41
CA SER B 38 11.62 5.97 8.88
C SER B 38 12.74 5.91 9.93
N ASN B 39 12.53 6.51 11.10
CA ASN B 39 13.55 6.50 12.15
C ASN B 39 13.29 5.49 13.28
N ASN B 40 12.13 4.85 13.23
CA ASN B 40 11.77 3.86 14.24
C ASN B 40 11.19 2.63 13.55
N LEU B 41 12.08 1.68 13.26
CA LEU B 41 11.71 0.46 12.59
C LEU B 41 11.72 -0.75 13.52
N CYS B 42 10.60 -1.46 13.60
CA CYS B 42 10.54 -2.65 14.43
C CYS B 42 11.12 -3.81 13.62
N LEU B 43 11.20 -3.63 12.30
CA LEU B 43 11.75 -4.67 11.44
C LEU B 43 12.37 -4.14 10.15
N HIS B 44 13.68 -4.35 10.02
CA HIS B 44 14.43 -3.96 8.84
C HIS B 44 14.82 -5.31 8.23
N PHE B 45 13.97 -5.78 7.30
CA PHE B 45 14.15 -7.05 6.62
C PHE B 45 15.05 -6.82 5.41
N ASN B 46 16.27 -7.34 5.48
CA ASN B 46 17.27 -7.11 4.44
C ASN B 46 17.97 -8.33 3.82
N PRO B 47 17.33 -8.98 2.85
CA PRO B 47 18.00 -10.15 2.25
C PRO B 47 19.19 -9.67 1.43
N ARG B 48 20.35 -10.30 1.63
CA ARG B 48 21.55 -9.85 0.92
C ARG B 48 22.10 -10.97 0.05
N PHE B 49 22.07 -10.73 -1.24
CA PHE B 49 22.58 -11.68 -2.24
C PHE B 49 24.11 -11.62 -2.21
N ASN B 50 24.57 -10.40 -2.33
CA ASN B 50 25.99 -10.06 -2.32
C ASN B 50 26.15 -8.56 -2.09
N ALA B 51 26.13 -8.20 -0.81
CA ALA B 51 26.24 -6.81 -0.40
C ALA B 51 26.73 -6.70 1.04
N HIS B 52 27.45 -5.61 1.26
CA HIS B 52 28.02 -5.23 2.55
C HIS B 52 28.91 -6.36 3.12
N GLY B 53 29.45 -7.16 2.22
CA GLY B 53 30.39 -8.26 2.58
C GLY B 53 29.68 -9.60 2.87
N ASP B 54 28.36 -9.61 2.79
CA ASP B 54 27.57 -10.85 3.06
C ASP B 54 27.08 -11.44 1.74
N ALA B 55 26.76 -12.73 1.81
CA ALA B 55 26.28 -13.48 0.64
C ALA B 55 25.08 -14.37 1.00
N ASN B 56 24.03 -14.18 0.21
CA ASN B 56 22.74 -14.90 0.31
C ASN B 56 22.27 -15.07 1.75
N THR B 57 22.45 -14.02 2.52
CA THR B 57 22.06 -14.01 3.94
C THR B 57 21.01 -12.94 4.22
N ILE B 58 20.03 -13.34 5.00
CA ILE B 58 18.94 -12.44 5.42
C ILE B 58 19.34 -11.78 6.73
N VAL B 59 19.46 -10.48 6.66
CA VAL B 59 19.83 -9.67 7.83
C VAL B 59 18.64 -8.86 8.30
N CYS B 60 18.38 -8.99 9.58
CA CYS B 60 17.27 -8.29 10.25
C CYS B 60 17.83 -7.39 11.35
N ASN B 61 17.20 -6.27 11.53
CA ASN B 61 17.62 -5.37 12.58
C ASN B 61 16.50 -4.40 12.90
N SER B 62 16.66 -3.68 14.00
CA SER B 62 15.67 -2.70 14.40
C SER B 62 16.36 -1.35 14.46
N LYS B 63 15.57 -0.29 14.42
CA LYS B 63 16.07 1.07 14.46
C LYS B 63 15.20 1.84 15.45
N ASP B 64 15.78 2.23 16.58
CA ASP B 64 15.03 2.94 17.60
C ASP B 64 15.54 4.37 17.76
N ASP B 65 14.66 5.32 17.51
CA ASP B 65 15.00 6.74 17.56
C ASP B 65 16.28 6.97 16.79
N GLY B 66 16.37 6.33 15.62
CA GLY B 66 17.53 6.48 14.76
C GLY B 66 18.69 5.53 14.95
N ALA B 67 18.77 4.85 16.09
CA ALA B 67 19.89 3.94 16.35
C ALA B 67 19.65 2.48 15.95
N TRP B 68 20.58 1.92 15.18
CA TRP B 68 20.47 0.54 14.77
C TRP B 68 20.79 -0.37 15.94
N GLY B 69 20.03 -1.46 16.07
CA GLY B 69 20.26 -2.40 17.15
C GLY B 69 21.23 -3.47 16.72
N THR B 70 21.20 -4.61 17.39
CA THR B 70 22.09 -5.70 17.03
C THR B 70 21.42 -6.55 15.95
N GLU B 71 22.13 -6.74 14.83
CA GLU B 71 21.60 -7.53 13.75
C GLU B 71 21.41 -9.00 14.11
N GLN B 72 20.50 -9.64 13.40
CA GLN B 72 20.24 -11.07 13.55
C GLN B 72 20.23 -11.60 12.13
N ARG B 73 20.95 -12.69 11.90
CA ARG B 73 21.00 -13.29 10.57
C ARG B 73 20.19 -14.57 10.56
N GLU B 74 19.44 -14.79 9.48
CA GLU B 74 18.60 -15.97 9.39
C GLU B 74 19.30 -17.22 8.83
N ALA B 75 18.71 -18.37 9.11
CA ALA B 75 19.26 -19.67 8.70
C ALA B 75 19.00 -20.12 7.28
N VAL B 76 18.10 -19.43 6.57
CA VAL B 76 17.78 -19.82 5.20
C VAL B 76 17.83 -18.62 4.26
N PHE B 77 17.72 -18.91 2.96
CA PHE B 77 17.74 -17.83 1.98
C PHE B 77 16.97 -18.25 0.72
N PRO B 78 15.63 -18.29 0.82
CA PRO B 78 14.79 -18.67 -0.31
C PRO B 78 14.46 -17.49 -1.21
N PHE B 79 15.50 -16.77 -1.66
CA PHE B 79 15.32 -15.62 -2.54
C PHE B 79 16.27 -15.66 -3.72
N GLN B 80 15.84 -15.05 -4.82
CA GLN B 80 16.66 -14.99 -6.03
C GLN B 80 16.37 -13.71 -6.79
N PRO B 81 17.42 -13.07 -7.34
CA PRO B 81 17.25 -11.84 -8.10
C PRO B 81 16.37 -12.08 -9.33
N GLY B 82 15.64 -11.05 -9.75
CA GLY B 82 14.79 -11.16 -10.91
C GLY B 82 13.65 -12.16 -10.79
N SER B 83 12.93 -12.12 -9.66
CA SER B 83 11.81 -13.03 -9.46
C SER B 83 10.84 -12.45 -8.44
N VAL B 84 9.66 -13.05 -8.38
CA VAL B 84 8.61 -12.62 -7.46
C VAL B 84 8.72 -13.33 -6.12
N ALA B 85 8.72 -12.55 -5.05
CA ALA B 85 8.81 -13.10 -3.71
C ALA B 85 7.79 -12.46 -2.78
N GLU B 86 7.15 -13.27 -1.96
CA GLU B 86 6.17 -12.79 -1.01
C GLU B 86 6.57 -13.18 0.41
N VAL B 87 6.41 -12.24 1.34
CA VAL B 87 6.71 -12.50 2.73
C VAL B 87 5.45 -12.21 3.50
N CYS B 88 5.26 -12.91 4.61
CA CYS B 88 4.07 -12.72 5.43
C CYS B 88 4.54 -12.35 6.82
N ILE B 89 4.01 -11.27 7.35
CA ILE B 89 4.44 -10.81 8.67
C ILE B 89 3.30 -10.59 9.65
N THR B 90 3.56 -10.95 10.90
CA THR B 90 2.61 -10.79 11.98
C THR B 90 3.42 -10.44 13.23
N PHE B 91 2.75 -10.01 14.29
CA PHE B 91 3.47 -9.66 15.52
C PHE B 91 2.61 -9.58 16.76
N ASP B 92 3.28 -9.63 17.90
CA ASP B 92 2.70 -9.49 19.22
C ASP B 92 3.72 -8.58 19.92
N GLN B 93 3.46 -8.14 21.14
CA GLN B 93 4.40 -7.25 21.80
C GLN B 93 5.82 -7.78 22.00
N ALA B 94 5.96 -9.10 22.05
CA ALA B 94 7.26 -9.71 22.26
C ALA B 94 8.07 -9.95 20.99
N ASN B 95 7.43 -10.50 19.96
CA ASN B 95 8.13 -10.80 18.72
C ASN B 95 7.35 -10.57 17.44
N LEU B 96 8.10 -10.43 16.35
CA LEU B 96 7.51 -10.33 15.02
C LEU B 96 7.78 -11.72 14.44
N THR B 97 6.87 -12.19 13.59
CA THR B 97 7.05 -13.50 12.95
C THR B 97 7.07 -13.26 11.45
N VAL B 98 8.13 -13.70 10.80
CA VAL B 98 8.29 -13.51 9.36
C VAL B 98 8.25 -14.86 8.66
N LYS B 99 7.29 -15.04 7.75
CA LYS B 99 7.19 -16.28 7.01
C LYS B 99 7.69 -16.00 5.59
N LEU B 100 8.57 -16.86 5.10
CA LEU B 100 9.18 -16.69 3.78
C LEU B 100 8.50 -17.49 2.66
N PRO B 101 8.90 -17.23 1.40
CA PRO B 101 8.33 -17.92 0.24
C PRO B 101 8.37 -19.44 0.34
N ASP B 102 9.38 -19.98 1.02
CA ASP B 102 9.51 -21.43 1.16
C ASP B 102 8.69 -22.01 2.32
N GLY B 103 7.88 -21.17 2.96
CA GLY B 103 7.07 -21.64 4.08
C GLY B 103 7.79 -21.61 5.42
N TYR B 104 9.08 -21.28 5.40
CA TYR B 104 9.88 -21.20 6.61
C TYR B 104 9.51 -19.92 7.35
N GLU B 105 9.45 -19.98 8.67
CA GLU B 105 9.12 -18.78 9.44
C GLU B 105 10.03 -18.67 10.65
N PHE B 106 10.42 -17.44 10.95
CA PHE B 106 11.28 -17.19 12.09
C PHE B 106 10.74 -16.00 12.88
N LYS B 107 11.32 -15.76 14.05
CA LYS B 107 10.89 -14.65 14.87
C LYS B 107 12.02 -13.65 15.07
N PHE B 108 11.64 -12.38 15.21
CA PHE B 108 12.60 -11.30 15.45
C PHE B 108 11.98 -10.50 16.60
N PRO B 109 12.74 -10.29 17.68
CA PRO B 109 12.25 -9.54 18.85
C PRO B 109 11.66 -8.18 18.50
N ASN B 110 10.51 -7.86 19.11
CA ASN B 110 9.84 -6.59 18.90
C ASN B 110 10.47 -5.62 19.91
N ARG B 111 11.62 -5.08 19.54
CA ARG B 111 12.40 -4.19 20.39
C ARG B 111 11.83 -2.79 20.63
N LEU B 112 10.89 -2.37 19.79
CA LEU B 112 10.28 -1.05 19.95
C LEU B 112 8.99 -1.21 20.77
N ASN B 113 8.64 -2.45 21.07
CA ASN B 113 7.46 -2.73 21.87
C ASN B 113 6.20 -2.21 21.19
N LEU B 114 6.26 -2.11 19.86
CA LEU B 114 5.13 -1.61 19.09
C LEU B 114 3.85 -2.42 19.30
N GLU B 115 2.73 -1.71 19.40
CA GLU B 115 1.42 -2.35 19.58
C GLU B 115 0.63 -2.15 18.29
N ALA B 116 1.26 -1.50 17.32
CA ALA B 116 0.66 -1.24 16.02
C ALA B 116 1.79 -0.86 15.05
N ILE B 117 1.67 -1.31 13.79
CA ILE B 117 2.67 -0.98 12.78
C ILE B 117 1.99 -0.08 11.75
N ASN B 118 2.46 1.15 11.64
CA ASN B 118 1.87 2.12 10.73
C ASN B 118 2.70 2.48 9.51
N TYR B 119 3.95 2.05 9.49
CA TYR B 119 4.84 2.40 8.39
C TYR B 119 5.54 1.20 7.75
N MET B 120 5.63 1.25 6.43
CA MET B 120 6.31 0.23 5.63
C MET B 120 6.94 0.91 4.43
N ALA B 121 8.13 0.45 4.04
CA ALA B 121 8.83 1.02 2.90
C ALA B 121 9.75 -0.02 2.27
N ALA B 122 9.79 -0.01 0.94
CA ALA B 122 10.65 -0.93 0.20
C ALA B 122 11.69 -0.08 -0.50
N ASP B 123 12.87 -0.62 -0.78
CA ASP B 123 13.87 0.17 -1.47
C ASP B 123 13.74 -0.05 -2.98
N GLY B 124 14.71 0.47 -3.74
CA GLY B 124 14.67 0.33 -5.18
C GLY B 124 14.80 -1.07 -5.77
N ASP B 125 15.21 -2.06 -4.98
CA ASP B 125 15.38 -3.41 -5.51
C ASP B 125 14.20 -4.34 -5.26
N PHE B 126 13.21 -3.84 -4.52
CA PHE B 126 12.02 -4.63 -4.24
C PHE B 126 10.79 -3.84 -4.69
N LYS B 127 10.24 -4.19 -5.85
CA LYS B 127 9.07 -3.49 -6.38
C LYS B 127 7.77 -4.15 -5.92
N ILE B 128 7.12 -3.54 -4.95
CA ILE B 128 5.88 -4.09 -4.41
C ILE B 128 4.76 -4.13 -5.44
N LYS B 129 4.15 -5.30 -5.59
CA LYS B 129 3.07 -5.49 -6.55
C LYS B 129 1.74 -5.76 -5.85
N CYS B 130 1.80 -6.21 -4.61
CA CYS B 130 0.59 -6.52 -3.85
C CYS B 130 0.82 -6.44 -2.35
N VAL B 131 -0.16 -5.89 -1.64
CA VAL B 131 -0.11 -5.76 -0.18
C VAL B 131 -1.47 -6.19 0.37
N ALA B 132 -1.50 -7.13 1.30
CA ALA B 132 -2.75 -7.57 1.87
C ALA B 132 -2.74 -7.57 3.39
N PHE B 133 -3.91 -7.35 3.97
CA PHE B 133 -4.08 -7.35 5.42
C PHE B 133 -5.16 -8.38 5.77
N ASP B 134 -4.76 -9.46 6.41
CA ASP B 134 -5.70 -10.50 6.79
C ASP B 134 -5.30 -11.18 8.10
C1 BME C . -13.38 -4.52 -9.22
C2 BME C . -13.10 -3.97 -10.60
O1 BME C . -13.67 -5.91 -9.25
S2 BME C . -11.71 -4.80 -11.41
C1 BME D . -5.63 -8.63 -5.03
C2 BME D . -5.29 -7.91 -3.73
O1 BME D . -5.38 -10.02 -4.94
S2 BME D . -6.37 -6.50 -3.40
S SO4 E . -14.66 17.56 -18.41
O1 SO4 E . -15.44 16.58 -17.63
O2 SO4 E . -14.13 16.91 -19.63
O3 SO4 E . -13.53 18.07 -17.62
O4 SO4 E . -15.55 18.68 -18.79
S SO4 F . -9.09 6.40 -23.19
O1 SO4 F . -8.98 5.61 -21.93
O2 SO4 F . -8.19 5.82 -24.20
O3 SO4 F . -8.71 7.79 -22.92
O4 SO4 F . -10.48 6.34 -23.68
C1 GAL G . -17.21 18.33 -1.18
C2 GAL G . -16.75 17.40 -0.06
C3 GAL G . -15.21 17.32 -0.15
C4 GAL G . -14.85 16.77 -1.55
C5 GAL G . -15.43 17.74 -2.64
C6 GAL G . -15.15 17.26 -4.04
O1 GAL G . -18.56 18.42 -1.14
O2 GAL G . -17.06 17.88 1.17
O3 GAL G . -14.71 16.45 0.85
O4 GAL G . -15.42 15.46 -1.72
O5 GAL G . -16.88 17.88 -2.44
O6 GAL G . -15.65 18.18 -5.02
C1 BME H . 1.09 -16.08 7.66
C2 BME H . 0.57 -15.10 8.71
O1 BME H . 0.49 -17.35 7.83
S2 BME H . 1.02 -13.37 8.34
C1 BME I . 4.84 -16.42 1.66
C2 BME I . 4.67 -16.26 3.16
O1 BME I . 4.14 -17.56 1.18
S2 BME I . 2.92 -16.26 3.66
C1 BME J . -1.58 -11.96 -1.65
C2 BME J . -0.59 -11.08 -2.41
O1 BME J . -1.48 -13.31 -2.07
S2 BME J . -0.60 -9.35 -1.84
C1 GAL K . 24.63 -2.00 8.04
C2 GAL K . 24.21 -1.03 6.94
C3 GAL K . 23.32 0.05 7.61
C4 GAL K . 22.12 -0.68 8.23
C5 GAL K . 22.63 -1.70 9.28
C6 GAL K . 21.52 -2.48 9.93
O1 GAL K . 25.40 -2.96 7.50
O2 GAL K . 25.29 -0.40 6.38
O3 GAL K . 22.87 0.99 6.65
O4 GAL K . 21.38 -1.37 7.21
O5 GAL K . 23.56 -2.64 8.64
O6 GAL K . 22.01 -3.46 10.82
#